data_2A3I
#
_entry.id   2A3I
#
_cell.length_a   44.647
_cell.length_b   72.259
_cell.length_c   81.226
_cell.angle_alpha   90.00
_cell.angle_beta   90.00
_cell.angle_gamma   90.00
#
_symmetry.space_group_name_H-M   'P 21 21 21'
#
loop_
_entity.id
_entity.type
_entity.pdbx_description
1 polymer 'Mineralocorticoid receptor'
2 polymer 'Nuclear receptor coactivator 1, residues 1430-1441'
3 non-polymer CORTICOSTERONE
4 water water
#
loop_
_entity_poly.entity_id
_entity_poly.type
_entity_poly.pdbx_seq_one_letter_code
_entity_poly.pdbx_strand_id
1 'polypeptide(L)'
;RALTPSPVMVLENIEPEIVYAGYDSSKPDTAENLLSTLNRLAGKQMIQVVKWAKVLPGFKNLPLEDQITLIQYSWMSLSS
FALSWRSYKHTNSQFLYFAPDLVFNEEKMHQSAMYELCQGMHQISLQFVRLQLTFEEYTIMKVLLLLSTIPKDGLKSQAA
FEEMRTNYIKELRKMVTKCPNNSGQSWQRFYQLTKLLDSMHDLVSDLLEFCFYTFRESHALKVEFPAMLVEIISDQLPKV
ESGNAKPLYFHRK
;
A
2 'polypeptide(L)' QQKSLLQQLLTE B
#
# COMPACT_ATOMS: atom_id res chain seq x y z
N ARG A 1 -36.33 9.25 0.83
CA ARG A 1 -34.86 9.13 0.65
C ARG A 1 -34.12 9.40 1.96
N ALA A 2 -32.84 9.05 1.99
CA ALA A 2 -32.02 9.25 3.18
C ALA A 2 -30.55 9.06 2.79
N LEU A 3 -29.78 10.14 2.84
CA LEU A 3 -28.37 10.09 2.47
C LEU A 3 -28.31 9.60 1.03
N THR A 4 -27.10 9.49 0.50
CA THR A 4 -26.87 9.01 -0.85
C THR A 4 -25.58 8.22 -0.77
N PRO A 5 -25.56 7.17 0.06
CA PRO A 5 -24.41 6.28 0.31
C PRO A 5 -23.36 6.22 -0.79
N SER A 6 -22.10 6.15 -0.35
CA SER A 6 -20.96 6.09 -1.25
C SER A 6 -20.25 4.76 -1.10
N PRO A 7 -19.28 4.46 -2.00
CA PRO A 7 -18.54 3.20 -1.91
C PRO A 7 -17.84 3.08 -0.55
N VAL A 8 -17.70 4.21 0.13
CA VAL A 8 -17.04 4.25 1.44
C VAL A 8 -17.55 3.15 2.38
N MET A 9 -18.87 2.98 2.45
CA MET A 9 -19.44 1.96 3.31
C MET A 9 -19.01 0.59 2.81
N VAL A 10 -19.01 0.43 1.49
CA VAL A 10 -18.61 -0.82 0.84
C VAL A 10 -17.15 -1.13 1.14
N LEU A 11 -16.30 -0.13 1.00
CA LEU A 11 -14.87 -0.27 1.24
C LEU A 11 -14.61 -0.76 2.66
N GLU A 12 -15.35 -0.22 3.63
CA GLU A 12 -15.20 -0.61 5.02
C GLU A 12 -15.54 -2.07 5.21
N ASN A 13 -16.48 -2.55 4.38
CA ASN A 13 -16.93 -3.94 4.45
C ASN A 13 -15.87 -4.94 3.98
N ILE A 14 -15.23 -4.63 2.86
CA ILE A 14 -14.20 -5.52 2.31
C ILE A 14 -12.82 -5.34 2.91
N GLU A 15 -12.70 -4.41 3.86
CA GLU A 15 -11.41 -4.15 4.49
C GLU A 15 -10.87 -5.42 5.16
N PRO A 16 -9.71 -5.91 4.67
CA PRO A 16 -9.07 -7.12 5.21
C PRO A 16 -8.75 -6.99 6.70
N GLU A 17 -8.68 -8.13 7.38
CA GLU A 17 -8.39 -8.12 8.82
C GLU A 17 -6.94 -8.54 9.10
N ILE A 18 -6.42 -8.03 10.22
CA ILE A 18 -5.06 -8.31 10.66
C ILE A 18 -4.57 -9.74 10.40
N VAL A 19 -3.33 -9.85 9.94
CA VAL A 19 -2.72 -11.16 9.69
C VAL A 19 -1.48 -11.22 10.58
N TYR A 20 -1.25 -12.39 11.19
CA TYR A 20 -0.11 -12.56 12.07
C TYR A 20 1.15 -12.90 11.30
N ALA A 21 2.29 -12.54 11.88
CA ALA A 21 3.58 -12.80 11.25
C ALA A 21 4.14 -14.17 11.64
N GLY A 22 3.67 -14.69 12.77
CA GLY A 22 4.17 -15.97 13.23
C GLY A 22 5.59 -15.76 13.72
N TYR A 23 5.85 -14.60 14.32
CA TYR A 23 7.17 -14.29 14.82
C TYR A 23 7.33 -14.74 16.27
N ASP A 24 8.55 -15.15 16.61
CA ASP A 24 8.86 -15.58 17.96
C ASP A 24 9.94 -14.68 18.51
N SER A 25 9.53 -13.74 19.36
CA SER A 25 10.44 -12.77 19.94
C SER A 25 11.63 -13.38 20.69
N SER A 26 11.58 -14.68 20.97
CA SER A 26 12.67 -15.29 21.71
C SER A 26 13.85 -15.72 20.84
N LYS A 27 13.67 -15.76 19.52
CA LYS A 27 14.79 -16.16 18.68
C LYS A 27 15.55 -14.92 18.22
N PRO A 28 16.82 -15.10 17.80
CA PRO A 28 17.66 -14.00 17.35
C PRO A 28 17.13 -13.06 16.26
N ASP A 29 17.23 -11.76 16.55
CA ASP A 29 16.80 -10.72 15.64
C ASP A 29 17.88 -10.40 14.62
N THR A 30 18.21 -11.37 13.78
CA THR A 30 19.19 -11.17 12.73
C THR A 30 18.44 -10.50 11.58
N ALA A 31 19.16 -9.83 10.68
CA ALA A 31 18.52 -9.18 9.56
C ALA A 31 17.89 -10.26 8.68
N GLU A 32 18.57 -11.40 8.58
CA GLU A 32 18.08 -12.50 7.77
C GLU A 32 16.72 -12.93 8.28
N ASN A 33 16.62 -13.21 9.57
CA ASN A 33 15.36 -13.63 10.15
C ASN A 33 14.25 -12.58 10.05
N LEU A 34 14.58 -11.34 10.40
CA LEU A 34 13.58 -10.27 10.35
C LEU A 34 13.02 -10.00 8.96
N LEU A 35 13.89 -9.88 7.96
CA LEU A 35 13.43 -9.60 6.61
C LEU A 35 12.71 -10.79 6.00
N SER A 36 13.23 -12.00 6.21
CA SER A 36 12.56 -13.18 5.69
C SER A 36 11.16 -13.25 6.30
N THR A 37 11.07 -12.99 7.60
CA THR A 37 9.77 -13.03 8.28
C THR A 37 8.85 -11.97 7.69
N LEU A 38 9.39 -10.77 7.49
CA LEU A 38 8.60 -9.68 6.92
C LEU A 38 8.14 -9.99 5.50
N ASN A 39 8.98 -10.67 4.72
CA ASN A 39 8.59 -11.02 3.36
C ASN A 39 7.51 -12.09 3.34
N ARG A 40 7.57 -13.02 4.26
CA ARG A 40 6.54 -14.04 4.32
C ARG A 40 5.24 -13.37 4.75
N LEU A 41 5.34 -12.41 5.67
CA LEU A 41 4.16 -11.67 6.13
C LEU A 41 3.51 -10.94 4.96
N ALA A 42 4.35 -10.30 4.14
CA ALA A 42 3.87 -9.57 2.98
C ALA A 42 3.11 -10.52 2.06
N GLY A 43 3.65 -11.72 1.86
CA GLY A 43 3.00 -12.71 1.03
C GLY A 43 1.57 -12.96 1.48
N LYS A 44 1.37 -13.08 2.78
CA LYS A 44 0.03 -13.32 3.32
C LYS A 44 -0.88 -12.10 3.19
N GLN A 45 -0.36 -10.90 3.44
CA GLN A 45 -1.16 -9.69 3.31
C GLN A 45 -1.60 -9.51 1.87
N MET A 46 -0.70 -9.85 0.96
CA MET A 46 -0.95 -9.71 -0.47
C MET A 46 -2.16 -10.49 -0.95
N ILE A 47 -2.41 -11.65 -0.36
CA ILE A 47 -3.55 -12.44 -0.75
C ILE A 47 -4.81 -11.65 -0.40
N GLN A 48 -4.78 -11.00 0.75
CA GLN A 48 -5.90 -10.20 1.22
C GLN A 48 -6.05 -8.97 0.34
N VAL A 49 -4.94 -8.37 -0.03
CA VAL A 49 -4.97 -7.18 -0.87
C VAL A 49 -5.64 -7.47 -2.21
N VAL A 50 -5.26 -8.58 -2.84
CA VAL A 50 -5.86 -8.93 -4.12
C VAL A 50 -7.35 -9.20 -3.94
N LYS A 51 -7.70 -9.94 -2.89
CA LYS A 51 -9.10 -10.24 -2.59
C LYS A 51 -9.90 -8.96 -2.38
N TRP A 52 -9.25 -7.98 -1.77
CA TRP A 52 -9.85 -6.68 -1.48
C TRP A 52 -10.08 -5.91 -2.79
N ALA A 53 -9.03 -5.84 -3.61
CA ALA A 53 -9.09 -5.12 -4.87
C ALA A 53 -10.11 -5.71 -5.83
N LYS A 54 -10.16 -7.03 -5.88
CA LYS A 54 -11.06 -7.76 -6.77
C LYS A 54 -12.52 -7.30 -6.71
N VAL A 55 -12.97 -6.86 -5.55
CA VAL A 55 -14.35 -6.42 -5.40
C VAL A 55 -14.53 -4.92 -5.27
N LEU A 56 -13.48 -4.16 -5.57
CA LEU A 56 -13.54 -2.71 -5.50
C LEU A 56 -14.42 -2.08 -6.57
N PRO A 57 -15.31 -1.16 -6.19
CA PRO A 57 -16.18 -0.52 -7.17
C PRO A 57 -15.28 0.11 -8.25
N GLY A 58 -15.63 -0.12 -9.52
CA GLY A 58 -14.85 0.42 -10.62
C GLY A 58 -13.68 -0.48 -11.01
N PHE A 59 -12.73 -0.62 -10.10
CA PHE A 59 -11.56 -1.46 -10.35
C PHE A 59 -11.95 -2.85 -10.84
N LYS A 60 -13.03 -3.39 -10.29
CA LYS A 60 -13.46 -4.72 -10.69
C LYS A 60 -13.86 -4.83 -12.15
N ASN A 61 -14.11 -3.69 -12.79
CA ASN A 61 -14.50 -3.70 -14.20
C ASN A 61 -13.33 -3.54 -15.16
N LEU A 62 -12.15 -3.22 -14.64
CA LEU A 62 -10.97 -3.08 -15.48
C LEU A 62 -10.56 -4.44 -15.99
N PRO A 63 -9.95 -4.49 -17.18
CA PRO A 63 -9.54 -5.81 -17.68
C PRO A 63 -8.52 -6.43 -16.74
N LEU A 64 -8.45 -7.77 -16.76
CA LEU A 64 -7.53 -8.50 -15.90
C LEU A 64 -6.10 -7.97 -15.99
N GLU A 65 -5.65 -7.69 -17.20
CA GLU A 65 -4.29 -7.20 -17.44
C GLU A 65 -3.99 -5.87 -16.75
N ASP A 66 -4.96 -4.97 -16.72
CA ASP A 66 -4.78 -3.69 -16.07
C ASP A 66 -4.82 -3.84 -14.54
N GLN A 67 -5.65 -4.74 -14.05
CA GLN A 67 -5.75 -4.97 -12.61
C GLN A 67 -4.41 -5.50 -12.10
N ILE A 68 -3.84 -6.44 -12.86
CA ILE A 68 -2.55 -7.03 -12.50
C ILE A 68 -1.45 -5.99 -12.52
N THR A 69 -1.46 -5.15 -13.56
CA THR A 69 -0.47 -4.09 -13.71
C THR A 69 -0.54 -3.13 -12.52
N LEU A 70 -1.74 -2.69 -12.21
CA LEU A 70 -1.94 -1.77 -11.11
C LEU A 70 -1.50 -2.34 -9.76
N ILE A 71 -1.84 -3.60 -9.52
CA ILE A 71 -1.46 -4.25 -8.26
C ILE A 71 0.06 -4.44 -8.15
N GLN A 72 0.70 -4.83 -9.26
CA GLN A 72 2.14 -5.03 -9.27
C GLN A 72 2.90 -3.72 -9.08
N TYR A 73 2.32 -2.62 -9.55
CA TYR A 73 2.97 -1.31 -9.40
C TYR A 73 2.76 -0.71 -8.00
N SER A 74 1.61 -0.96 -7.40
CA SER A 74 1.28 -0.37 -6.10
C SER A 74 1.35 -1.24 -4.84
N TRP A 75 1.71 -2.51 -4.94
CA TRP A 75 1.72 -3.35 -3.74
C TRP A 75 2.57 -2.81 -2.59
N MET A 76 3.73 -2.23 -2.90
CA MET A 76 4.59 -1.71 -1.84
C MET A 76 3.94 -0.52 -1.17
N SER A 77 3.32 0.33 -1.98
CA SER A 77 2.65 1.53 -1.47
C SER A 77 1.50 1.13 -0.56
N LEU A 78 0.72 0.15 -0.99
CA LEU A 78 -0.40 -0.33 -0.19
C LEU A 78 0.08 -0.94 1.13
N SER A 79 1.09 -1.79 1.05
CA SER A 79 1.65 -2.43 2.24
C SER A 79 2.18 -1.43 3.25
N SER A 80 2.90 -0.43 2.77
CA SER A 80 3.50 0.59 3.62
C SER A 80 2.43 1.48 4.26
N PHE A 81 1.43 1.86 3.47
CA PHE A 81 0.35 2.71 3.95
C PHE A 81 -0.44 1.97 5.02
N ALA A 82 -0.72 0.69 4.79
CA ALA A 82 -1.46 -0.10 5.76
C ALA A 82 -0.63 -0.26 7.03
N LEU A 83 0.68 -0.37 6.89
CA LEU A 83 1.56 -0.49 8.05
C LEU A 83 1.43 0.76 8.92
N SER A 84 1.47 1.93 8.28
CA SER A 84 1.35 3.18 9.02
C SER A 84 -0.02 3.30 9.67
N TRP A 85 -1.05 2.78 9.02
CA TRP A 85 -2.39 2.83 9.59
C TRP A 85 -2.43 1.99 10.88
N ARG A 86 -1.94 0.76 10.80
CA ARG A 86 -1.93 -0.11 11.96
C ARG A 86 -1.10 0.48 13.08
N SER A 87 0.03 1.08 12.74
CA SER A 87 0.92 1.69 13.73
C SER A 87 0.20 2.82 14.43
N TYR A 88 -0.59 3.56 13.65
CA TYR A 88 -1.36 4.68 14.15
C TYR A 88 -2.49 4.21 15.07
N LYS A 89 -3.33 3.31 14.58
CA LYS A 89 -4.45 2.79 15.37
C LYS A 89 -4.05 1.95 16.59
N HIS A 90 -3.01 1.14 16.47
CA HIS A 90 -2.58 0.29 17.57
C HIS A 90 -1.55 0.84 18.56
N THR A 91 -0.73 1.80 18.14
CA THR A 91 0.29 2.32 19.06
C THR A 91 0.38 3.84 19.09
N ASN A 92 -0.59 4.52 18.48
CA ASN A 92 -0.57 5.98 18.43
C ASN A 92 0.72 6.40 17.74
N SER A 93 1.18 5.53 16.82
CA SER A 93 2.39 5.77 16.04
C SER A 93 3.65 5.86 16.88
N GLN A 94 3.78 4.98 17.86
CA GLN A 94 4.96 4.96 18.71
C GLN A 94 5.89 3.88 18.18
N PHE A 95 5.31 2.93 17.47
CA PHE A 95 6.07 1.81 16.91
C PHE A 95 5.57 1.46 15.51
N LEU A 96 6.26 0.53 14.86
CA LEU A 96 5.87 0.07 13.53
C LEU A 96 5.18 -1.28 13.74
N TYR A 97 3.87 -1.26 13.66
CA TYR A 97 3.04 -2.44 13.88
C TYR A 97 2.88 -3.27 12.61
N PHE A 98 3.90 -4.06 12.28
CA PHE A 98 3.81 -4.90 11.07
C PHE A 98 2.72 -5.93 11.28
N ALA A 99 2.66 -6.48 12.49
CA ALA A 99 1.65 -7.48 12.83
C ALA A 99 1.53 -7.50 14.36
N PRO A 100 0.42 -7.99 14.89
CA PRO A 100 0.23 -8.03 16.34
C PRO A 100 1.34 -8.75 17.11
N ASP A 101 2.04 -9.65 16.44
CA ASP A 101 3.13 -10.39 17.08
C ASP A 101 4.49 -9.92 16.57
N LEU A 102 4.50 -8.87 15.76
CA LEU A 102 5.74 -8.32 15.25
C LEU A 102 5.65 -6.79 15.18
N VAL A 103 6.02 -6.16 16.28
CA VAL A 103 5.99 -4.72 16.37
C VAL A 103 7.42 -4.23 16.52
N PHE A 104 7.85 -3.40 15.58
CA PHE A 104 9.22 -2.86 15.59
C PHE A 104 9.41 -1.64 16.48
N ASN A 105 10.43 -1.72 17.31
CA ASN A 105 10.80 -0.58 18.13
C ASN A 105 12.13 -0.19 17.48
N GLU A 106 12.78 0.83 18.03
CA GLU A 106 14.05 1.33 17.50
C GLU A 106 15.12 0.24 17.35
N GLU A 107 15.16 -0.66 18.33
CA GLU A 107 16.13 -1.75 18.34
C GLU A 107 15.99 -2.69 17.13
N LYS A 108 14.76 -3.10 16.84
CA LYS A 108 14.49 -3.98 15.71
C LYS A 108 14.77 -3.27 14.40
N MET A 109 14.51 -1.97 14.36
CA MET A 109 14.76 -1.19 13.16
C MET A 109 16.24 -1.29 12.79
N HIS A 110 17.11 -1.24 13.78
CA HIS A 110 18.54 -1.35 13.51
C HIS A 110 18.94 -2.75 13.08
N GLN A 111 18.39 -3.76 13.75
CA GLN A 111 18.75 -5.14 13.40
C GLN A 111 18.19 -5.59 12.05
N SER A 112 17.15 -4.90 11.57
CA SER A 112 16.53 -5.24 10.29
C SER A 112 17.40 -4.83 9.09
N ALA A 113 18.39 -3.99 9.35
CA ALA A 113 19.28 -3.48 8.31
C ALA A 113 18.52 -2.57 7.36
N MET A 114 17.33 -2.15 7.80
CA MET A 114 16.42 -1.27 7.06
C MET A 114 16.09 -0.04 7.90
N TYR A 115 16.98 0.37 8.79
CA TYR A 115 16.64 1.49 9.67
C TYR A 115 16.06 2.75 9.04
N GLU A 116 16.76 3.33 8.06
CA GLU A 116 16.29 4.56 7.41
C GLU A 116 14.93 4.37 6.73
N LEU A 117 14.72 3.21 6.13
CA LEU A 117 13.44 2.94 5.47
C LEU A 117 12.33 2.85 6.52
N CYS A 118 12.62 2.23 7.65
CA CYS A 118 11.62 2.11 8.72
C CYS A 118 11.26 3.51 9.19
N GLN A 119 12.26 4.39 9.27
CA GLN A 119 12.02 5.77 9.68
C GLN A 119 11.09 6.48 8.70
N GLY A 120 11.30 6.23 7.41
CA GLY A 120 10.46 6.86 6.41
C GLY A 120 9.01 6.43 6.55
N MET A 121 8.82 5.13 6.76
CA MET A 121 7.48 4.59 6.93
C MET A 121 6.91 5.11 8.24
N HIS A 122 7.76 5.26 9.25
CA HIS A 122 7.32 5.78 10.55
C HIS A 122 6.84 7.21 10.41
N GLN A 123 7.54 8.00 9.58
CA GLN A 123 7.15 9.39 9.37
C GLN A 123 5.73 9.49 8.82
N ILE A 124 5.33 8.53 7.99
CA ILE A 124 3.98 8.54 7.46
C ILE A 124 3.01 8.29 8.62
N SER A 125 3.39 7.39 9.52
CA SER A 125 2.55 7.06 10.66
C SER A 125 2.37 8.32 11.51
N LEU A 126 3.43 9.10 11.64
CA LEU A 126 3.39 10.33 12.42
C LEU A 126 2.39 11.31 11.83
N GLN A 127 2.35 11.37 10.50
CA GLN A 127 1.42 12.27 9.81
C GLN A 127 -0.02 11.85 10.11
N PHE A 128 -0.26 10.53 10.18
CA PHE A 128 -1.59 10.03 10.48
C PHE A 128 -2.08 10.55 11.82
N VAL A 129 -1.16 10.60 12.79
CA VAL A 129 -1.50 11.09 14.11
C VAL A 129 -1.71 12.60 14.11
N ARG A 130 -0.85 13.33 13.41
CA ARG A 130 -0.97 14.79 13.35
C ARG A 130 -2.29 15.22 12.70
N LEU A 131 -2.79 14.42 11.77
CA LEU A 131 -4.03 14.71 11.06
C LEU A 131 -5.23 13.97 11.64
N GLN A 132 -4.98 13.07 12.58
CA GLN A 132 -6.05 12.28 13.16
C GLN A 132 -6.86 11.69 12.02
N LEU A 133 -6.16 11.01 11.10
CA LEU A 133 -6.78 10.40 9.93
C LEU A 133 -7.93 9.50 10.33
N THR A 134 -9.02 9.54 9.56
CA THR A 134 -10.19 8.71 9.82
C THR A 134 -10.18 7.48 8.93
N PHE A 135 -10.85 6.42 9.38
CA PHE A 135 -10.91 5.19 8.62
C PHE A 135 -11.51 5.42 7.24
N GLU A 136 -12.46 6.36 7.15
CA GLU A 136 -13.10 6.68 5.89
C GLU A 136 -12.09 7.23 4.89
N GLU A 137 -11.35 8.24 5.32
CA GLU A 137 -10.35 8.85 4.45
C GLU A 137 -9.30 7.81 4.08
N TYR A 138 -8.90 7.02 5.07
CA TYR A 138 -7.90 5.99 4.86
C TYR A 138 -8.26 5.00 3.75
N THR A 139 -9.47 4.45 3.80
CA THR A 139 -9.90 3.49 2.78
C THR A 139 -9.90 4.08 1.38
N ILE A 140 -10.35 5.33 1.24
CA ILE A 140 -10.37 5.95 -0.08
C ILE A 140 -8.94 6.20 -0.56
N MET A 141 -8.07 6.63 0.35
CA MET A 141 -6.69 6.89 0.00
C MET A 141 -6.02 5.59 -0.45
N LYS A 142 -6.39 4.47 0.17
CA LYS A 142 -5.81 3.18 -0.21
C LYS A 142 -6.12 2.92 -1.69
N VAL A 143 -7.39 3.12 -2.07
CA VAL A 143 -7.78 2.91 -3.45
C VAL A 143 -6.97 3.84 -4.36
N LEU A 144 -6.81 5.09 -3.93
CA LEU A 144 -6.06 6.06 -4.72
C LEU A 144 -4.61 5.63 -4.90
N LEU A 145 -4.05 4.95 -3.90
CA LEU A 145 -2.67 4.47 -4.02
C LEU A 145 -2.65 3.34 -5.04
N LEU A 146 -3.68 2.49 -5.03
CA LEU A 146 -3.76 1.41 -5.99
C LEU A 146 -3.81 2.00 -7.39
N LEU A 147 -4.38 3.20 -7.51
CA LEU A 147 -4.49 3.87 -8.81
C LEU A 147 -3.46 4.98 -8.97
N SER A 148 -2.34 4.89 -8.26
CA SER A 148 -1.31 5.92 -8.28
C SER A 148 -0.20 5.87 -9.33
N THR A 149 -0.02 4.73 -10.00
CA THR A 149 1.00 4.65 -11.02
C THR A 149 0.59 3.69 -12.14
N ILE A 150 0.81 4.15 -13.37
CA ILE A 150 0.46 3.38 -14.56
C ILE A 150 1.63 3.30 -15.52
N PRO A 151 1.50 2.49 -16.59
CA PRO A 151 2.57 2.34 -17.58
C PRO A 151 2.74 3.68 -18.30
N LYS A 152 3.96 3.94 -18.77
CA LYS A 152 4.24 5.19 -19.46
C LYS A 152 3.33 5.35 -20.68
N ASP A 153 2.93 4.22 -21.27
CA ASP A 153 2.07 4.24 -22.45
C ASP A 153 0.61 3.99 -22.08
N GLY A 154 0.26 4.25 -20.82
CA GLY A 154 -1.10 4.07 -20.37
C GLY A 154 -1.56 2.63 -20.25
N LEU A 155 -2.76 2.46 -19.70
CA LEU A 155 -3.35 1.14 -19.51
C LEU A 155 -4.11 0.69 -20.75
N LYS A 156 -4.64 -0.53 -20.69
CA LYS A 156 -5.41 -1.09 -21.79
C LYS A 156 -6.75 -0.34 -21.88
N SER A 157 -7.35 -0.05 -20.72
CA SER A 157 -8.62 0.69 -20.65
C SER A 157 -8.33 2.00 -19.91
N GLN A 158 -7.45 2.82 -20.49
CA GLN A 158 -7.04 4.08 -19.90
C GLN A 158 -8.19 5.02 -19.54
N ALA A 159 -9.08 5.27 -20.49
CA ALA A 159 -10.22 6.16 -20.26
C ALA A 159 -11.07 5.71 -19.08
N ALA A 160 -11.33 4.41 -18.98
CA ALA A 160 -12.14 3.90 -17.88
C ALA A 160 -11.38 4.11 -16.58
N PHE A 161 -10.06 3.94 -16.63
CA PHE A 161 -9.24 4.12 -15.45
C PHE A 161 -9.33 5.56 -14.97
N GLU A 162 -9.13 6.50 -15.89
CA GLU A 162 -9.19 7.92 -15.53
C GLU A 162 -10.51 8.33 -14.90
N GLU A 163 -11.62 7.76 -15.40
CA GLU A 163 -12.94 8.08 -14.86
C GLU A 163 -13.07 7.55 -13.44
N MET A 164 -12.60 6.33 -13.22
CA MET A 164 -12.67 5.71 -11.89
C MET A 164 -11.84 6.49 -10.89
N ARG A 165 -10.61 6.83 -11.28
CA ARG A 165 -9.72 7.56 -10.39
C ARG A 165 -10.29 8.93 -10.05
N THR A 166 -10.90 9.57 -11.04
CA THR A 166 -11.50 10.89 -10.81
C THR A 166 -12.61 10.76 -9.78
N ASN A 167 -13.41 9.71 -9.90
CA ASN A 167 -14.50 9.51 -8.97
C ASN A 167 -14.02 9.28 -7.56
N TYR A 168 -12.94 8.53 -7.43
CA TYR A 168 -12.41 8.28 -6.11
C TYR A 168 -11.82 9.55 -5.51
N ILE A 169 -11.32 10.43 -6.36
CA ILE A 169 -10.77 11.70 -5.89
C ILE A 169 -11.95 12.54 -5.37
N LYS A 170 -13.02 12.61 -6.15
CA LYS A 170 -14.21 13.34 -5.73
C LYS A 170 -14.71 12.74 -4.42
N GLU A 171 -14.65 11.41 -4.33
CA GLU A 171 -15.10 10.72 -3.13
C GLU A 171 -14.31 11.20 -1.92
N LEU A 172 -12.99 11.35 -2.08
CA LEU A 172 -12.15 11.83 -0.98
C LEU A 172 -12.60 13.25 -0.61
N ARG A 173 -12.95 14.03 -1.64
CA ARG A 173 -13.40 15.40 -1.42
C ARG A 173 -14.66 15.37 -0.56
N LYS A 174 -15.52 14.38 -0.77
CA LYS A 174 -16.73 14.26 0.03
C LYS A 174 -16.38 13.97 1.49
N MET A 175 -15.52 12.98 1.70
CA MET A 175 -15.11 12.60 3.05
C MET A 175 -14.41 13.73 3.80
N VAL A 176 -13.51 14.43 3.14
CA VAL A 176 -12.77 15.52 3.77
C VAL A 176 -13.71 16.63 4.23
N THR A 177 -14.95 16.59 3.75
CA THR A 177 -15.95 17.59 4.12
C THR A 177 -16.68 17.10 5.37
N LYS A 178 -16.74 15.78 5.51
CA LYS A 178 -17.39 15.14 6.65
C LYS A 178 -16.64 15.45 7.94
N CYS A 179 -15.80 14.50 8.36
CA CYS A 179 -15.00 14.61 9.58
C CYS A 179 -14.97 16.01 10.19
N PRO A 180 -14.50 17.01 9.42
CA PRO A 180 -14.45 18.36 9.97
C PRO A 180 -15.77 19.11 9.82
N ASN A 181 -15.69 20.23 9.11
CA ASN A 181 -16.79 21.13 8.82
C ASN A 181 -16.00 22.40 8.56
N ASN A 182 -16.53 23.57 8.92
CA ASN A 182 -15.77 24.80 8.68
C ASN A 182 -15.10 24.72 7.31
N SER A 183 -15.83 25.05 6.27
CA SER A 183 -15.32 25.02 4.91
C SER A 183 -13.79 25.07 4.87
N GLY A 184 -13.23 26.05 5.58
CA GLY A 184 -11.78 26.23 5.63
C GLY A 184 -11.02 24.95 5.90
N GLN A 185 -11.33 24.29 7.01
CA GLN A 185 -10.67 23.04 7.36
C GLN A 185 -11.34 21.86 6.66
N SER A 186 -11.09 21.79 5.36
CA SER A 186 -11.61 20.76 4.47
C SER A 186 -10.87 21.05 3.18
N TRP A 187 -10.83 22.32 2.83
CA TRP A 187 -10.11 22.77 1.64
C TRP A 187 -8.65 22.39 1.98
N GLN A 188 -8.26 22.77 3.19
CA GLN A 188 -6.93 22.56 3.74
C GLN A 188 -6.55 21.10 3.94
N ARG A 189 -7.48 20.33 4.52
CA ARG A 189 -7.23 18.93 4.78
C ARG A 189 -7.10 18.14 3.49
N PHE A 190 -7.94 18.46 2.50
CA PHE A 190 -7.89 17.76 1.22
C PHE A 190 -6.51 17.98 0.63
N TYR A 191 -6.00 19.18 0.78
CA TYR A 191 -4.66 19.51 0.27
C TYR A 191 -3.60 18.67 0.99
N GLN A 192 -3.68 18.62 2.31
CA GLN A 192 -2.70 17.88 3.11
C GLN A 192 -2.72 16.39 2.81
N LEU A 193 -3.92 15.84 2.62
CA LEU A 193 -4.04 14.42 2.33
C LEU A 193 -3.47 14.08 0.95
N THR A 194 -3.80 14.87 -0.07
CA THR A 194 -3.28 14.59 -1.39
C THR A 194 -1.78 14.83 -1.44
N LYS A 195 -1.29 15.71 -0.58
CA LYS A 195 0.13 16.00 -0.53
C LYS A 195 0.82 14.78 0.13
N LEU A 196 0.10 14.15 1.06
CA LEU A 196 0.64 12.98 1.73
C LEU A 196 0.70 11.82 0.72
N LEU A 197 -0.36 11.66 -0.09
CA LEU A 197 -0.39 10.61 -1.09
C LEU A 197 0.81 10.75 -2.03
N ASP A 198 1.11 11.99 -2.41
CA ASP A 198 2.26 12.26 -3.28
C ASP A 198 3.56 11.82 -2.60
N SER A 199 3.69 12.09 -1.30
CA SER A 199 4.90 11.73 -0.58
C SER A 199 5.12 10.22 -0.54
N MET A 200 4.06 9.44 -0.77
CA MET A 200 4.21 7.98 -0.77
C MET A 200 5.07 7.53 -1.95
N HIS A 201 5.07 8.28 -3.05
CA HIS A 201 5.87 7.91 -4.21
C HIS A 201 7.39 7.92 -3.91
N ASP A 202 7.86 8.95 -3.21
CA ASP A 202 9.28 9.05 -2.87
C ASP A 202 9.66 7.93 -1.91
N LEU A 203 8.81 7.68 -0.93
CA LEU A 203 9.07 6.63 0.04
C LEU A 203 9.12 5.26 -0.63
N VAL A 204 8.11 4.97 -1.46
CA VAL A 204 8.05 3.70 -2.16
C VAL A 204 9.26 3.50 -3.07
N SER A 205 9.75 4.60 -3.64
CA SER A 205 10.92 4.52 -4.51
C SER A 205 12.11 3.97 -3.73
N ASP A 206 12.28 4.43 -2.49
CA ASP A 206 13.39 3.95 -1.67
C ASP A 206 13.12 2.53 -1.20
N LEU A 207 11.87 2.23 -0.84
CA LEU A 207 11.52 0.90 -0.39
C LEU A 207 11.81 -0.12 -1.48
N LEU A 208 11.37 0.19 -2.70
CA LEU A 208 11.58 -0.71 -3.83
C LEU A 208 13.06 -0.92 -4.18
N GLU A 209 13.87 0.14 -4.03
CA GLU A 209 15.29 0.01 -4.33
C GLU A 209 15.93 -1.05 -3.43
N PHE A 210 15.57 -1.01 -2.14
CA PHE A 210 16.10 -1.97 -1.18
C PHE A 210 15.48 -3.35 -1.46
N CYS A 211 14.21 -3.37 -1.82
CA CYS A 211 13.51 -4.62 -2.12
C CYS A 211 14.13 -5.35 -3.31
N PHE A 212 14.36 -4.62 -4.40
CA PHE A 212 14.94 -5.21 -5.60
C PHE A 212 16.35 -5.70 -5.33
N TYR A 213 17.06 -5.00 -4.45
CA TYR A 213 18.42 -5.37 -4.10
C TYR A 213 18.43 -6.71 -3.36
N THR A 214 17.62 -6.82 -2.31
CA THR A 214 17.58 -8.06 -1.54
C THR A 214 17.02 -9.22 -2.36
N PHE A 215 16.18 -8.91 -3.34
CA PHE A 215 15.59 -9.93 -4.20
C PHE A 215 16.71 -10.50 -5.08
N ARG A 216 17.50 -9.60 -5.67
CA ARG A 216 18.63 -9.98 -6.52
C ARG A 216 19.69 -10.73 -5.74
N GLU A 217 19.95 -10.26 -4.52
CA GLU A 217 20.97 -10.85 -3.66
C GLU A 217 20.39 -11.82 -2.63
N SER A 218 19.17 -12.28 -2.89
CA SER A 218 18.46 -13.18 -1.98
C SER A 218 19.25 -14.40 -1.53
N HIS A 219 19.97 -15.00 -2.45
CA HIS A 219 20.74 -16.20 -2.15
C HIS A 219 21.92 -15.94 -1.23
N ALA A 220 22.67 -14.86 -1.50
CA ALA A 220 23.84 -14.52 -0.69
C ALA A 220 23.47 -13.92 0.67
N LEU A 221 22.33 -13.24 0.74
CA LEU A 221 21.90 -12.62 1.98
C LEU A 221 21.02 -13.54 2.81
N LYS A 222 20.55 -14.62 2.20
CA LYS A 222 19.68 -15.57 2.86
C LYS A 222 18.34 -14.95 3.23
N VAL A 223 17.88 -14.01 2.41
CA VAL A 223 16.60 -13.36 2.63
C VAL A 223 15.57 -14.06 1.76
N GLU A 224 14.63 -14.76 2.41
CA GLU A 224 13.59 -15.49 1.70
C GLU A 224 12.43 -14.61 1.24
N PHE A 225 11.84 -14.99 0.11
CA PHE A 225 10.68 -14.31 -0.46
C PHE A 225 9.68 -15.41 -0.78
N PRO A 226 8.41 -15.20 -0.41
CA PRO A 226 7.37 -16.20 -0.68
C PRO A 226 6.98 -16.16 -2.16
N ALA A 227 6.44 -17.26 -2.68
CA ALA A 227 6.05 -17.34 -4.08
C ALA A 227 5.25 -16.13 -4.55
N MET A 228 4.35 -15.66 -3.69
CA MET A 228 3.51 -14.50 -4.01
C MET A 228 4.36 -13.28 -4.38
N LEU A 229 5.42 -13.03 -3.61
CA LEU A 229 6.28 -11.88 -3.90
C LEU A 229 7.24 -12.13 -5.05
N VAL A 230 7.72 -13.36 -5.16
CA VAL A 230 8.64 -13.72 -6.23
C VAL A 230 7.98 -13.38 -7.57
N GLU A 231 6.74 -13.80 -7.73
CA GLU A 231 5.99 -13.54 -8.95
C GLU A 231 5.82 -12.06 -9.24
N ILE A 232 5.32 -11.32 -8.26
CA ILE A 232 5.11 -9.89 -8.44
C ILE A 232 6.38 -9.14 -8.77
N ILE A 233 7.40 -9.31 -7.92
CA ILE A 233 8.67 -8.62 -8.10
C ILE A 233 9.34 -8.97 -9.44
N SER A 234 9.33 -10.24 -9.81
CA SER A 234 9.95 -10.66 -11.07
C SER A 234 9.38 -9.88 -12.26
N ASP A 235 8.11 -9.52 -12.17
CA ASP A 235 7.46 -8.77 -13.24
C ASP A 235 7.65 -7.27 -13.08
N GLN A 236 7.50 -6.79 -11.85
CA GLN A 236 7.61 -5.37 -11.54
C GLN A 236 8.99 -4.76 -11.73
N LEU A 237 10.01 -5.47 -11.25
CA LEU A 237 11.38 -4.97 -11.32
C LEU A 237 11.83 -4.52 -12.71
N PRO A 238 11.71 -5.39 -13.73
CA PRO A 238 12.13 -5.01 -15.09
C PRO A 238 11.49 -3.72 -15.59
N LYS A 239 10.18 -3.59 -15.39
CA LYS A 239 9.45 -2.41 -15.83
C LYS A 239 9.91 -1.15 -15.10
N VAL A 240 9.96 -1.23 -13.77
CA VAL A 240 10.36 -0.08 -12.96
C VAL A 240 11.78 0.40 -13.24
N GLU A 241 12.71 -0.54 -13.40
CA GLU A 241 14.10 -0.17 -13.66
C GLU A 241 14.34 0.36 -15.08
N SER A 242 13.37 0.15 -15.97
CA SER A 242 13.49 0.60 -17.35
C SER A 242 12.75 1.92 -17.55
N GLY A 243 12.18 2.46 -16.48
CA GLY A 243 11.49 3.72 -16.57
C GLY A 243 10.07 3.62 -17.13
N ASN A 244 9.51 2.42 -17.18
CA ASN A 244 8.17 2.23 -17.72
C ASN A 244 7.07 2.76 -16.80
N ALA A 245 7.36 2.85 -15.51
CA ALA A 245 6.38 3.32 -14.55
C ALA A 245 6.15 4.83 -14.62
N LYS A 246 4.90 5.24 -14.45
CA LYS A 246 4.54 6.64 -14.47
C LYS A 246 3.73 6.99 -13.23
N PRO A 247 4.38 7.59 -12.22
CA PRO A 247 3.66 7.95 -10.99
C PRO A 247 2.73 9.13 -11.24
N LEU A 248 1.52 9.07 -10.68
CA LEU A 248 0.59 10.17 -10.83
C LEU A 248 0.65 11.00 -9.58
N TYR A 249 0.78 12.32 -9.74
CA TYR A 249 0.85 13.23 -8.60
C TYR A 249 -0.34 14.16 -8.57
N PHE A 250 -0.68 14.61 -7.36
CA PHE A 250 -1.78 15.53 -7.16
C PHE A 250 -1.23 16.95 -7.21
N HIS A 251 0.02 17.11 -6.80
CA HIS A 251 0.71 18.40 -6.78
C HIS A 251 2.05 18.20 -7.52
N ARG A 252 2.97 19.14 -7.38
CA ARG A 252 4.29 19.04 -8.02
C ARG A 252 4.45 17.83 -8.94
N LYS A 253 3.72 17.82 -10.04
CA LYS A 253 3.81 16.70 -10.97
C LYS A 253 4.66 17.06 -12.17
N GLN B 1 -1.76 -17.71 -20.58
CA GLN B 1 -0.70 -18.15 -19.63
C GLN B 1 -1.23 -19.29 -18.77
N GLN B 2 -0.37 -19.82 -17.90
CA GLN B 2 -0.79 -20.89 -17.01
C GLN B 2 -0.33 -20.64 -15.59
N LYS B 3 -1.28 -20.67 -14.67
CA LYS B 3 -1.04 -20.45 -13.25
C LYS B 3 -1.05 -18.96 -12.92
N SER B 4 -0.01 -18.51 -12.22
CA SER B 4 0.10 -17.12 -11.79
C SER B 4 -0.88 -16.87 -10.66
N LEU B 5 -0.34 -16.76 -9.45
CA LEU B 5 -1.14 -16.55 -8.26
C LEU B 5 -2.05 -15.34 -8.37
N LEU B 6 -1.55 -14.25 -8.93
CA LEU B 6 -2.35 -13.03 -9.10
C LEU B 6 -3.56 -13.32 -9.96
N GLN B 7 -3.35 -13.98 -11.09
CA GLN B 7 -4.45 -14.33 -11.99
C GLN B 7 -5.47 -15.24 -11.31
N GLN B 8 -4.98 -16.23 -10.57
CA GLN B 8 -5.85 -17.16 -9.87
C GLN B 8 -6.73 -16.44 -8.88
N LEU B 9 -6.11 -15.65 -8.01
CA LEU B 9 -6.83 -14.89 -6.99
C LEU B 9 -7.89 -13.94 -7.54
N LEU B 10 -7.62 -13.36 -8.70
CA LEU B 10 -8.56 -12.42 -9.30
C LEU B 10 -9.71 -13.09 -10.04
N THR B 11 -9.57 -14.38 -10.32
CA THR B 11 -10.62 -15.12 -11.01
C THR B 11 -11.07 -16.34 -10.25
N GLU B 12 -10.48 -16.55 -9.08
CA GLU B 12 -10.80 -17.69 -8.23
C GLU B 12 -12.30 -17.98 -8.24
#